data_2GG7
#
_entry.id   2GG7
#
_cell.length_a   39.123
_cell.length_b   62.945
_cell.length_c   52.743
_cell.angle_alpha   90.00
_cell.angle_beta   109.01
_cell.angle_gamma   90.00
#
_symmetry.space_group_name_H-M   'P 1 21 1'
#
loop_
_entity.id
_entity.type
_entity.pdbx_description
1 polymer 'Methionine aminopeptidase'
2 non-polymer 'COBALT (II) ION'
3 non-polymer 'SODIUM ION'
4 non-polymer '3-(5-AMINO-3-IMINO-3H-PYRAZOL-4-YLAZO)-BENZOIC ACID'
5 water water
#
_entity_poly.entity_id   1
_entity_poly.type   'polypeptide(L)'
_entity_poly.pdbx_seq_one_letter_code
;AISIKTPEDIEKMRVAGRLAAEVLEMIEPYVKPGVSTGELDRICNDYIVNEQHAVSACLGYHGYPKSVCISINEVVCHGI
PDDAKLLKDGDIVNIDVTVIKDGFHGDTSKMFIVGKPTIMGERLCRITQESLYLALRMVKPGINLREIGAAIQKFVEAEG
FSVVREYCGHGIGRGFHEEPQVLHYDSRETNVVLKPGMTFTIEPMVNAGKKEIRTMKDGWTVKTKDRSLSAQYEHTIVVT
DNGCEILTLRKDDTIPAIISHDE
;
_entity_poly.pdbx_strand_id   A
#
loop_
_chem_comp.id
_chem_comp.type
_chem_comp.name
_chem_comp.formula
CO non-polymer 'COBALT (II) ION' 'Co 2'
NA non-polymer 'SODIUM ION' 'Na 1'
U14 non-polymer '3-(5-AMINO-3-IMINO-3H-PYRAZOL-4-YLAZO)-BENZOIC ACID' 'C10 H8 N6 O2'
#
# COMPACT_ATOMS: atom_id res chain seq x y z
N ALA A 1 0.02 20.46 -10.35
CA ALA A 1 -0.23 19.85 -11.69
C ALA A 1 -0.79 18.44 -11.56
N ILE A 2 -1.90 18.32 -10.83
CA ILE A 2 -2.55 17.03 -10.64
C ILE A 2 -3.58 16.82 -11.74
N SER A 3 -3.50 15.66 -12.40
CA SER A 3 -4.45 15.33 -13.46
CA SER A 3 -4.45 15.29 -13.46
C SER A 3 -5.80 14.92 -12.87
N ILE A 4 -6.87 15.35 -13.53
CA ILE A 4 -8.22 14.93 -13.23
C ILE A 4 -8.62 13.87 -14.25
N LYS A 5 -8.84 12.64 -13.79
CA LYS A 5 -9.23 11.55 -14.67
C LYS A 5 -10.65 11.73 -15.21
N THR A 6 -10.81 11.44 -16.49
CA THR A 6 -12.14 11.37 -17.10
C THR A 6 -12.91 10.16 -16.58
N PRO A 7 -14.24 10.16 -16.75
CA PRO A 7 -14.97 8.95 -16.37
C PRO A 7 -14.41 7.69 -17.01
N GLU A 8 -14.01 7.77 -18.26
CA GLU A 8 -13.39 6.67 -19.01
CA GLU A 8 -13.46 6.59 -18.94
CA GLU A 8 -13.47 6.59 -18.93
C GLU A 8 -12.13 6.16 -18.32
N ASP A 9 -11.27 7.12 -17.99
CA ASP A 9 -10.01 6.82 -17.30
C ASP A 9 -10.26 6.18 -15.93
N ILE A 10 -11.26 6.68 -15.22
CA ILE A 10 -11.57 6.14 -13.91
C ILE A 10 -11.99 4.71 -14.04
N GLU A 11 -12.78 4.39 -15.07
CA GLU A 11 -13.16 3.02 -15.31
C GLU A 11 -11.94 2.14 -15.56
N LYS A 12 -10.99 2.63 -16.36
CA LYS A 12 -9.76 1.87 -16.56
C LYS A 12 -9.01 1.66 -15.25
N MET A 13 -9.04 2.65 -14.36
CA MET A 13 -8.40 2.48 -13.07
CA MET A 13 -8.44 2.53 -13.04
C MET A 13 -9.18 1.53 -12.17
N ARG A 14 -10.50 1.44 -12.31
CA ARG A 14 -11.25 0.39 -11.61
C ARG A 14 -10.77 -0.99 -12.08
N VAL A 15 -10.59 -1.14 -13.39
CA VAL A 15 -10.15 -2.43 -13.90
C VAL A 15 -8.77 -2.81 -13.36
N ALA A 16 -7.84 -1.87 -13.45
CA ALA A 16 -6.47 -2.14 -13.01
C ALA A 16 -6.38 -2.33 -11.50
N GLY A 17 -7.15 -1.55 -10.75
CA GLY A 17 -7.18 -1.69 -9.29
C GLY A 17 -7.74 -3.02 -8.86
N ARG A 18 -8.79 -3.48 -9.54
CA ARG A 18 -9.35 -4.80 -9.26
C ARG A 18 -8.29 -5.87 -9.51
N LEU A 19 -7.56 -5.75 -10.62
CA LEU A 19 -6.52 -6.74 -10.88
C LEU A 19 -5.49 -6.76 -9.74
N ALA A 20 -5.04 -5.60 -9.30
CA ALA A 20 -4.01 -5.57 -8.27
C ALA A 20 -4.54 -6.24 -6.99
N ALA A 21 -5.77 -5.91 -6.61
CA ALA A 21 -6.42 -6.54 -5.46
C ALA A 21 -6.53 -8.06 -5.60
N GLU A 22 -6.87 -8.48 -6.82
CA GLU A 22 -7.05 -9.90 -7.09
C GLU A 22 -5.75 -10.69 -7.02
N VAL A 23 -4.61 -10.03 -7.29
CA VAL A 23 -3.34 -10.72 -7.08
C VAL A 23 -3.19 -11.05 -5.59
N LEU A 24 -3.52 -10.09 -4.71
CA LEU A 24 -3.44 -10.32 -3.28
C LEU A 24 -4.42 -11.39 -2.81
N GLU A 25 -5.62 -11.44 -3.39
CA GLU A 25 -6.56 -12.49 -3.00
CA GLU A 25 -6.58 -12.48 -3.01
C GLU A 25 -6.11 -13.86 -3.49
N MET A 26 -5.51 -13.88 -4.68
CA MET A 26 -5.01 -15.12 -5.28
C MET A 26 -3.87 -15.71 -4.45
N ILE A 27 -2.96 -14.85 -3.98
CA ILE A 27 -1.73 -15.35 -3.37
C ILE A 27 -1.94 -15.86 -1.96
N GLU A 28 -3.02 -15.43 -1.30
CA GLU A 28 -3.24 -15.75 0.10
C GLU A 28 -3.03 -17.22 0.49
N PRO A 29 -3.65 -18.19 -0.22
CA PRO A 29 -3.47 -19.60 0.19
C PRO A 29 -2.05 -20.14 0.07
N TYR A 30 -1.18 -19.41 -0.62
CA TYR A 30 0.20 -19.80 -0.76
C TYR A 30 1.10 -19.20 0.33
N VAL A 31 0.58 -18.22 1.07
CA VAL A 31 1.37 -17.54 2.10
C VAL A 31 1.28 -18.36 3.39
N LYS A 32 2.24 -19.26 3.56
CA LYS A 32 2.21 -20.28 4.60
C LYS A 32 3.63 -20.57 5.07
N PRO A 33 3.78 -21.08 6.31
CA PRO A 33 5.14 -21.43 6.74
C PRO A 33 5.83 -22.35 5.74
N GLY A 34 7.08 -22.03 5.43
CA GLY A 34 7.91 -22.85 4.57
C GLY A 34 8.01 -22.38 3.12
N VAL A 35 7.07 -21.55 2.65
CA VAL A 35 7.14 -21.08 1.28
C VAL A 35 8.25 -20.06 1.14
N SER A 36 8.89 -20.00 -0.03
CA SER A 36 9.89 -18.96 -0.26
C SER A 36 9.26 -17.71 -0.85
N THR A 37 9.86 -16.56 -0.59
CA THR A 37 9.36 -15.33 -1.21
C THR A 37 9.60 -15.35 -2.72
N GLY A 38 10.65 -16.04 -3.16
CA GLY A 38 10.90 -16.22 -4.59
C GLY A 38 9.75 -16.94 -5.27
N GLU A 39 9.23 -17.99 -4.65
CA GLU A 39 8.11 -18.73 -5.20
CA GLU A 39 8.11 -18.72 -5.24
C GLU A 39 6.87 -17.84 -5.24
N LEU A 40 6.61 -17.10 -4.15
CA LEU A 40 5.46 -16.19 -4.15
C LEU A 40 5.51 -15.21 -5.31
N ASP A 41 6.69 -14.63 -5.55
CA ASP A 41 6.84 -13.70 -6.67
C ASP A 41 6.60 -14.35 -8.01
N ARG A 42 7.08 -15.59 -8.20
CA ARG A 42 6.81 -16.28 -9.46
C ARG A 42 5.32 -16.54 -9.66
N ILE A 43 4.64 -16.96 -8.61
CA ILE A 43 3.21 -17.21 -8.69
C ILE A 43 2.50 -15.92 -9.09
N CYS A 44 2.88 -14.82 -8.43
CA CYS A 44 2.27 -13.52 -8.76
C CYS A 44 2.56 -13.10 -10.20
N ASN A 45 3.82 -13.20 -10.62
CA ASN A 45 4.12 -12.77 -11.97
C ASN A 45 3.41 -13.63 -13.03
N ASP A 46 3.40 -14.93 -12.84
CA ASP A 46 2.69 -15.81 -13.78
C ASP A 46 1.21 -15.46 -13.86
N TYR A 47 0.62 -15.12 -12.72
CA TYR A 47 -0.78 -14.76 -12.68
C TYR A 47 -1.03 -13.44 -13.41
N ILE A 48 -0.24 -12.43 -13.11
CA ILE A 48 -0.34 -11.12 -13.72
C ILE A 48 -0.23 -11.22 -15.25
N VAL A 49 0.79 -11.94 -15.70
CA VAL A 49 1.07 -12.03 -17.12
C VAL A 49 0.12 -13.01 -17.83
N ASN A 50 0.00 -14.24 -17.32
CA ASN A 50 -0.71 -15.29 -18.07
C ASN A 50 -2.23 -15.29 -17.89
N GLU A 51 -2.71 -14.81 -16.76
CA GLU A 51 -4.13 -14.85 -16.47
C GLU A 51 -4.74 -13.46 -16.56
N GLN A 52 -4.12 -12.47 -15.96
CA GLN A 52 -4.64 -11.12 -16.02
C GLN A 52 -4.33 -10.39 -17.33
N HIS A 53 -3.33 -10.88 -18.06
CA HIS A 53 -2.85 -10.21 -19.26
C HIS A 53 -2.52 -8.76 -18.96
N ALA A 54 -1.74 -8.59 -17.88
CA ALA A 54 -1.29 -7.27 -17.43
C ALA A 54 0.24 -7.33 -17.27
N VAL A 55 0.82 -6.21 -16.80
N VAL A 55 0.85 -6.23 -16.83
CA VAL A 55 2.27 -6.07 -16.60
CA VAL A 55 2.28 -6.27 -16.53
C VAL A 55 2.57 -5.59 -15.16
C VAL A 55 2.57 -5.62 -15.19
N SER A 56 3.58 -6.15 -14.51
CA SER A 56 4.05 -5.59 -13.25
C SER A 56 4.72 -4.24 -13.49
N ALA A 57 4.33 -3.22 -12.74
CA ALA A 57 5.00 -1.92 -12.79
C ALA A 57 6.31 -1.85 -12.01
N CYS A 58 6.59 -2.81 -11.13
CA CYS A 58 7.85 -2.82 -10.37
CA CYS A 58 7.88 -2.71 -10.44
C CYS A 58 9.02 -3.39 -11.18
N LEU A 59 8.72 -4.34 -12.07
CA LEU A 59 9.77 -5.06 -12.76
C LEU A 59 10.55 -4.10 -13.69
N GLY A 60 11.85 -3.98 -13.47
CA GLY A 60 12.72 -3.07 -14.24
C GLY A 60 12.71 -1.63 -13.79
N TYR A 61 11.78 -1.27 -12.91
CA TYR A 61 11.65 0.11 -12.45
C TYR A 61 12.83 0.48 -11.56
N HIS A 62 13.61 1.45 -12.05
CA HIS A 62 14.90 1.79 -11.48
C HIS A 62 15.80 0.56 -11.38
N GLY A 63 15.52 -0.43 -12.22
CA GLY A 63 16.29 -1.66 -12.22
C GLY A 63 15.79 -2.73 -11.26
N TYR A 64 14.66 -2.54 -10.61
CA TYR A 64 14.16 -3.51 -9.63
C TYR A 64 13.96 -4.86 -10.30
N PRO A 65 14.48 -5.93 -9.71
CA PRO A 65 14.56 -7.21 -10.46
C PRO A 65 13.37 -8.15 -10.39
N LYS A 66 12.37 -7.87 -9.58
CA LYS A 66 11.26 -8.79 -9.33
C LYS A 66 9.94 -8.10 -9.63
N SER A 67 8.86 -8.87 -9.53
CA SER A 67 7.55 -8.39 -9.99
C SER A 67 6.66 -7.81 -8.92
N VAL A 68 6.85 -8.24 -7.68
CA VAL A 68 6.15 -7.70 -6.51
C VAL A 68 7.20 -7.44 -5.45
N CYS A 69 6.96 -6.51 -4.53
CA CYS A 69 7.85 -6.31 -3.40
C CYS A 69 7.29 -7.10 -2.24
N ILE A 70 8.17 -7.83 -1.55
CA ILE A 70 7.78 -8.67 -0.42
C ILE A 70 8.72 -8.35 0.73
N SER A 71 8.15 -7.85 1.81
CA SER A 71 8.92 -7.31 2.95
C SER A 71 8.49 -7.99 4.23
N ILE A 72 9.43 -8.59 4.96
CA ILE A 72 9.13 -9.37 6.14
C ILE A 72 9.65 -8.70 7.40
N ASN A 73 8.82 -8.61 8.44
CA ASN A 73 9.25 -8.25 9.81
C ASN A 73 9.88 -6.86 9.84
N GLU A 74 11.16 -6.75 10.18
CA GLU A 74 11.83 -5.47 10.29
C GLU A 74 12.15 -4.81 8.94
N VAL A 75 11.95 -5.52 7.84
CA VAL A 75 12.01 -4.91 6.52
C VAL A 75 10.79 -4.02 6.36
N VAL A 76 11.06 -2.75 6.04
CA VAL A 76 10.06 -1.70 5.91
C VAL A 76 9.42 -1.73 4.54
N CYS A 77 10.22 -1.86 3.50
CA CYS A 77 9.73 -1.81 2.13
C CYS A 77 10.80 -2.29 1.18
N HIS A 78 10.33 -2.62 -0.02
CA HIS A 78 11.16 -2.94 -1.18
C HIS A 78 11.94 -4.22 -1.02
N GLY A 79 11.51 -5.08 -0.11
CA GLY A 79 12.15 -6.39 0.03
C GLY A 79 12.12 -7.14 -1.28
N ILE A 80 13.21 -7.84 -1.58
CA ILE A 80 13.38 -8.53 -2.85
C ILE A 80 13.08 -10.03 -2.72
N PRO A 81 12.05 -10.53 -3.42
CA PRO A 81 11.78 -11.97 -3.45
C PRO A 81 13.05 -12.78 -3.72
N ASP A 82 13.20 -13.88 -2.99
CA ASP A 82 14.44 -14.66 -2.95
CA ASP A 82 14.43 -14.69 -3.00
C ASP A 82 14.06 -16.12 -2.68
N ASP A 83 14.57 -17.05 -3.48
CA ASP A 83 14.24 -18.46 -3.31
C ASP A 83 14.72 -19.04 -1.98
N ALA A 84 15.70 -18.37 -1.36
CA ALA A 84 16.27 -18.82 -0.11
C ALA A 84 15.59 -18.21 1.12
N LYS A 85 14.69 -17.24 0.93
CA LYS A 85 14.03 -16.59 2.06
C LYS A 85 12.70 -17.29 2.32
N LEU A 86 12.62 -18.01 3.42
CA LEU A 86 11.43 -18.81 3.73
C LEU A 86 10.59 -18.14 4.80
N LEU A 87 9.27 -18.13 4.61
CA LEU A 87 8.38 -17.64 5.64
C LEU A 87 8.31 -18.63 6.80
N LYS A 88 8.05 -18.11 7.99
CA LYS A 88 7.97 -18.95 9.19
C LYS A 88 6.89 -18.40 10.10
N ASP A 89 6.47 -19.28 11.00
CA ASP A 89 5.46 -18.93 12.00
CA ASP A 89 5.50 -18.98 12.04
C ASP A 89 5.80 -17.64 12.69
N GLY A 90 4.78 -16.78 12.80
CA GLY A 90 4.88 -15.48 13.43
C GLY A 90 5.31 -14.33 12.54
N ASP A 91 5.80 -14.61 11.33
CA ASP A 91 6.23 -13.53 10.45
C ASP A 91 5.03 -12.63 10.08
N ILE A 92 5.33 -11.34 9.94
CA ILE A 92 4.44 -10.41 9.26
C ILE A 92 5.08 -10.09 7.90
N VAL A 93 4.27 -10.11 6.86
CA VAL A 93 4.76 -10.03 5.50
C VAL A 93 3.88 -9.06 4.71
N ASN A 94 4.49 -8.04 4.11
CA ASN A 94 3.80 -7.20 3.17
C ASN A 94 4.06 -7.71 1.76
N ILE A 95 3.01 -7.82 0.96
CA ILE A 95 3.16 -7.99 -0.47
C ILE A 95 2.53 -6.78 -1.14
N ASP A 96 3.32 -6.12 -2.00
CA ASP A 96 2.93 -4.91 -2.70
C ASP A 96 2.87 -5.22 -4.19
N VAL A 97 1.66 -5.06 -4.73
CA VAL A 97 1.32 -5.36 -6.11
C VAL A 97 0.99 -4.06 -6.85
N THR A 98 1.69 -3.85 -7.96
CA THR A 98 1.40 -2.73 -8.84
C THR A 98 1.37 -3.28 -10.25
N VAL A 99 0.21 -3.15 -10.89
CA VAL A 99 0.03 -3.64 -12.25
C VAL A 99 -0.41 -2.53 -13.17
N ILE A 100 -0.10 -2.73 -14.44
CA ILE A 100 -0.55 -1.87 -15.53
C ILE A 100 -1.46 -2.67 -16.44
N LYS A 101 -2.64 -2.11 -16.72
CA LYS A 101 -3.62 -2.73 -17.62
C LYS A 101 -4.28 -1.63 -18.44
N ASP A 102 -4.19 -1.78 -19.75
CA ASP A 102 -4.85 -0.85 -20.67
C ASP A 102 -4.35 0.56 -20.40
N GLY A 103 -3.06 0.66 -20.07
CA GLY A 103 -2.41 1.92 -19.87
C GLY A 103 -2.46 2.52 -18.47
N PHE A 104 -3.23 1.95 -17.55
CA PHE A 104 -3.43 2.53 -16.23
C PHE A 104 -2.93 1.60 -15.13
N HIS A 105 -2.49 2.20 -14.03
CA HIS A 105 -1.93 1.49 -12.89
C HIS A 105 -2.95 1.23 -11.79
N GLY A 106 -2.80 0.08 -11.15
CA GLY A 106 -3.46 -0.25 -9.88
C GLY A 106 -2.40 -0.62 -8.87
N ASP A 107 -2.49 -0.13 -7.64
CA ASP A 107 -1.40 -0.24 -6.66
C ASP A 107 -1.98 -0.51 -5.30
N THR A 108 -1.58 -1.62 -4.70
CA THR A 108 -2.11 -2.00 -3.40
C THR A 108 -1.15 -2.92 -2.68
N SER A 109 -1.28 -2.96 -1.37
CA SER A 109 -0.45 -3.85 -0.56
C SER A 109 -1.21 -4.20 0.70
N LYS A 110 -0.87 -5.34 1.29
CA LYS A 110 -1.44 -5.73 2.56
C LYS A 110 -0.41 -6.52 3.36
N MET A 111 -0.69 -6.65 4.65
CA MET A 111 0.04 -7.53 5.53
C MET A 111 -0.65 -8.89 5.59
N PHE A 112 0.18 -9.91 5.64
CA PHE A 112 -0.20 -11.29 5.95
C PHE A 112 0.56 -11.70 7.20
N ILE A 113 -0.12 -12.34 8.14
CA ILE A 113 0.55 -12.92 9.30
C ILE A 113 0.62 -14.42 9.06
N VAL A 114 1.82 -14.95 9.17
CA VAL A 114 2.10 -16.33 8.82
C VAL A 114 1.95 -17.21 10.04
N GLY A 115 1.14 -18.27 9.88
CA GLY A 115 1.01 -19.23 10.95
C GLY A 115 0.49 -18.60 12.21
N LYS A 116 1.05 -18.99 13.36
CA LYS A 116 0.62 -18.48 14.65
C LYS A 116 1.07 -17.04 14.82
N PRO A 117 0.11 -16.11 14.96
CA PRO A 117 0.55 -14.72 15.14
C PRO A 117 1.29 -14.44 16.43
N THR A 118 2.19 -13.48 16.41
CA THR A 118 2.62 -12.82 17.62
C THR A 118 1.67 -11.69 17.91
N ILE A 119 1.44 -11.45 19.19
CA ILE A 119 0.50 -10.42 19.58
C ILE A 119 0.98 -9.04 19.12
N MET A 120 2.27 -8.77 19.22
CA MET A 120 2.78 -7.46 18.83
CA MET A 120 2.77 -7.45 18.82
CA MET A 120 2.73 -7.44 18.83
CA MET A 120 2.77 -7.45 18.83
C MET A 120 2.68 -7.28 17.31
N GLY A 121 2.95 -8.34 16.55
CA GLY A 121 2.85 -8.25 15.10
C GLY A 121 1.41 -8.00 14.70
N GLU A 122 0.48 -8.71 15.33
CA GLU A 122 -0.92 -8.51 15.04
CA GLU A 122 -0.95 -8.52 15.08
C GLU A 122 -1.38 -7.09 15.38
N ARG A 123 -0.94 -6.56 16.51
CA ARG A 123 -1.31 -5.21 16.90
C ARG A 123 -0.75 -4.16 15.92
N LEU A 124 0.52 -4.30 15.57
CA LEU A 124 1.14 -3.37 14.62
C LEU A 124 0.38 -3.40 13.28
N CYS A 125 0.07 -4.58 12.78
CA CYS A 125 -0.66 -4.66 11.52
C CYS A 125 -2.04 -4.01 11.64
N ARG A 126 -2.72 -4.29 12.75
CA ARG A 126 -4.04 -3.74 12.94
CA ARG A 126 -4.06 -3.75 12.96
CA ARG A 126 -4.06 -3.74 12.96
C ARG A 126 -4.05 -2.22 12.99
N ILE A 127 -3.14 -1.64 13.77
CA ILE A 127 -3.06 -0.19 13.88
C ILE A 127 -2.69 0.42 12.53
N THR A 128 -1.80 -0.24 11.79
CA THR A 128 -1.41 0.27 10.47
C THR A 128 -2.63 0.32 9.54
N GLN A 129 -3.39 -0.77 9.48
CA GLN A 129 -4.59 -0.79 8.65
C GLN A 129 -5.60 0.26 9.11
N GLU A 130 -5.78 0.37 10.42
CA GLU A 130 -6.71 1.36 10.94
C GLU A 130 -6.28 2.78 10.57
N SER A 131 -4.98 3.03 10.52
CA SER A 131 -4.50 4.36 10.15
C SER A 131 -4.80 4.67 8.68
N LEU A 132 -4.71 3.64 7.83
CA LEU A 132 -5.12 3.77 6.44
C LEU A 132 -6.62 4.05 6.37
N TYR A 133 -7.42 3.28 7.10
CA TYR A 133 -8.85 3.42 7.06
C TYR A 133 -9.32 4.78 7.55
N LEU A 134 -8.72 5.31 8.63
CA LEU A 134 -9.12 6.61 9.12
C LEU A 134 -8.82 7.67 8.06
N ALA A 135 -7.70 7.53 7.36
CA ALA A 135 -7.36 8.46 6.28
C ALA A 135 -8.37 8.38 5.13
N LEU A 136 -8.73 7.16 4.73
CA LEU A 136 -9.71 6.97 3.67
C LEU A 136 -11.03 7.65 4.00
N ARG A 137 -11.47 7.56 5.25
CA ARG A 137 -12.73 8.17 5.69
CA ARG A 137 -12.73 8.17 5.66
C ARG A 137 -12.70 9.69 5.64
N MET A 138 -11.51 10.30 5.56
CA MET A 138 -11.37 11.75 5.46
C MET A 138 -11.43 12.29 4.05
N VAL A 139 -11.20 11.44 3.05
CA VAL A 139 -11.04 11.91 1.68
C VAL A 139 -12.37 12.40 1.11
N LYS A 140 -12.40 13.67 0.72
CA LYS A 140 -13.55 14.25 0.03
C LYS A 140 -13.09 15.57 -0.56
N PRO A 141 -13.83 16.10 -1.56
CA PRO A 141 -13.47 17.40 -2.12
C PRO A 141 -13.32 18.46 -1.04
N GLY A 142 -12.29 19.27 -1.16
CA GLY A 142 -12.11 20.43 -0.29
C GLY A 142 -11.23 20.17 0.91
N ILE A 143 -11.02 18.91 1.27
CA ILE A 143 -10.10 18.59 2.35
C ILE A 143 -8.68 18.74 1.83
N ASN A 144 -7.79 19.13 2.71
CA ASN A 144 -6.37 19.21 2.40
C ASN A 144 -5.64 17.92 2.76
N LEU A 145 -4.74 17.49 1.90
CA LEU A 145 -3.89 16.36 2.22
C LEU A 145 -3.15 16.59 3.55
N ARG A 146 -2.84 17.83 3.91
CA ARG A 146 -2.11 18.04 5.16
C ARG A 146 -2.90 17.50 6.35
N GLU A 147 -4.21 17.71 6.34
CA GLU A 147 -5.06 17.26 7.42
C GLU A 147 -5.04 15.74 7.56
N ILE A 148 -4.98 15.06 6.42
CA ILE A 148 -4.96 13.62 6.40
C ILE A 148 -3.63 13.09 6.97
N GLY A 149 -2.52 13.65 6.52
CA GLY A 149 -1.23 13.25 7.05
C GLY A 149 -1.12 13.46 8.54
N ALA A 150 -1.56 14.62 9.00
CA ALA A 150 -1.50 14.91 10.43
C ALA A 150 -2.31 13.90 11.25
N ALA A 151 -3.46 13.52 10.74
CA ALA A 151 -4.36 12.59 11.46
C ALA A 151 -3.77 11.19 11.54
N ILE A 152 -3.14 10.71 10.47
CA ILE A 152 -2.50 9.41 10.46
C ILE A 152 -1.42 9.41 11.55
N GLN A 153 -0.58 10.43 11.53
CA GLN A 153 0.53 10.52 12.47
C GLN A 153 0.05 10.55 13.91
N LYS A 154 -0.98 11.35 14.21
CA LYS A 154 -1.47 11.43 15.59
C LYS A 154 -1.94 10.07 16.08
N PHE A 155 -2.67 9.36 15.22
CA PHE A 155 -3.24 8.07 15.59
C PHE A 155 -2.15 7.05 15.86
N VAL A 156 -1.18 6.96 14.96
CA VAL A 156 -0.10 5.99 15.07
C VAL A 156 0.76 6.27 16.31
N GLU A 157 1.12 7.52 16.51
CA GLU A 157 1.99 7.88 17.63
C GLU A 157 1.31 7.64 18.97
N ALA A 158 -0.01 7.80 19.04
CA ALA A 158 -0.71 7.53 20.27
C ALA A 158 -0.60 6.05 20.70
N GLU A 159 -0.36 5.14 19.76
CA GLU A 159 -0.17 3.71 20.04
C GLU A 159 1.26 3.34 20.39
N GLY A 160 2.12 4.35 20.40
CA GLY A 160 3.52 4.15 20.71
C GLY A 160 4.31 3.71 19.49
N PHE A 161 3.73 3.87 18.31
CA PHE A 161 4.39 3.47 17.07
C PHE A 161 4.84 4.76 16.36
N SER A 162 5.49 4.62 15.22
CA SER A 162 6.03 5.76 14.48
C SER A 162 5.74 5.64 12.97
N VAL A 163 5.76 6.78 12.29
CA VAL A 163 5.52 6.84 10.84
C VAL A 163 6.82 7.11 10.08
N VAL A 164 7.09 6.26 9.08
CA VAL A 164 8.27 6.43 8.24
C VAL A 164 8.12 7.67 7.35
N ARG A 165 9.14 8.53 7.37
CA ARG A 165 9.10 9.82 6.68
C ARG A 165 9.53 9.79 5.22
N GLU A 166 10.39 8.83 4.87
CA GLU A 166 11.06 8.84 3.57
C GLU A 166 10.23 8.39 2.37
N TYR A 167 9.09 7.76 2.66
CA TYR A 167 8.20 7.21 1.65
CA TYR A 167 8.22 7.23 1.61
C TYR A 167 6.82 7.78 1.85
N CYS A 168 6.03 7.81 0.78
CA CYS A 168 4.71 8.45 0.81
C CYS A 168 3.80 7.82 -0.23
N GLY A 169 2.51 8.09 -0.08
CA GLY A 169 1.57 7.79 -1.15
C GLY A 169 1.78 8.72 -2.33
N HIS A 170 1.04 8.49 -3.40
CA HIS A 170 1.31 9.17 -4.66
C HIS A 170 0.08 9.16 -5.55
N GLY A 171 -0.01 10.24 -6.34
CA GLY A 171 -0.82 10.21 -7.54
C GLY A 171 -0.47 9.01 -8.39
N ILE A 172 -1.42 8.56 -9.19
CA ILE A 172 -1.26 7.36 -9.97
C ILE A 172 -2.21 7.42 -11.15
N GLY A 173 -1.80 6.85 -12.29
CA GLY A 173 -2.66 6.87 -13.46
C GLY A 173 -1.96 6.16 -14.59
N ARG A 174 -1.72 6.86 -15.69
CA ARG A 174 -0.81 6.35 -16.72
C ARG A 174 0.63 6.22 -16.22
N GLY A 175 0.99 7.00 -15.21
CA GLY A 175 2.27 6.85 -14.51
C GLY A 175 2.12 6.18 -13.15
N PHE A 176 3.17 5.50 -12.71
CA PHE A 176 3.19 4.80 -11.42
C PHE A 176 3.10 5.85 -10.31
N HIS A 177 4.03 6.80 -10.33
CA HIS A 177 4.06 7.91 -9.40
C HIS A 177 3.79 9.21 -10.15
N GLU A 178 2.69 9.85 -9.80
CA GLU A 178 2.25 11.13 -10.34
C GLU A 178 2.03 12.05 -9.15
N GLU A 179 1.87 13.33 -9.46
CA GLU A 179 1.40 14.25 -8.44
C GLU A 179 0.00 13.88 -7.95
N PRO A 180 -0.29 14.12 -6.67
CA PRO A 180 0.57 14.67 -5.64
C PRO A 180 1.34 13.63 -4.83
N GLN A 181 2.32 14.09 -4.06
CA GLN A 181 2.84 13.27 -2.94
C GLN A 181 1.81 13.24 -1.83
N VAL A 182 1.72 12.10 -1.13
CA VAL A 182 0.79 11.93 -0.03
C VAL A 182 1.58 11.54 1.22
N LEU A 183 2.06 12.53 1.93
N LEU A 183 2.07 12.54 1.93
CA LEU A 183 2.79 12.29 3.17
CA LEU A 183 2.78 12.33 3.19
C LEU A 183 1.87 11.81 4.30
C LEU A 183 1.82 11.74 4.24
N HIS A 184 2.34 10.84 5.07
CA HIS A 184 1.54 10.25 6.15
C HIS A 184 1.84 10.89 7.50
N TYR A 185 2.27 12.15 7.45
CA TYR A 185 2.61 12.90 8.64
C TYR A 185 2.42 14.37 8.31
N ASP A 186 2.38 15.19 9.35
CA ASP A 186 2.17 16.62 9.15
C ASP A 186 3.39 17.31 8.56
N SER A 187 3.16 18.17 7.58
CA SER A 187 4.21 19.02 7.04
C SER A 187 3.63 20.36 6.64
N ARG A 188 4.35 21.42 6.98
CA ARG A 188 4.05 22.76 6.49
CA ARG A 188 4.03 22.77 6.50
C ARG A 188 4.16 22.92 4.99
N GLU A 189 4.84 21.99 4.32
CA GLU A 189 4.94 22.05 2.87
C GLU A 189 3.73 21.49 2.16
N THR A 190 2.84 20.83 2.89
CA THR A 190 1.73 20.19 2.23
C THR A 190 0.55 21.15 2.15
N ASN A 191 0.10 21.43 0.93
CA ASN A 191 -1.08 22.25 0.71
C ASN A 191 -1.72 21.80 -0.60
N VAL A 192 -2.53 20.75 -0.51
CA VAL A 192 -3.18 20.16 -1.66
C VAL A 192 -4.65 19.96 -1.32
N VAL A 193 -5.50 20.73 -1.98
CA VAL A 193 -6.93 20.67 -1.76
C VAL A 193 -7.52 19.68 -2.75
N LEU A 194 -8.18 18.64 -2.23
CA LEU A 194 -8.67 17.58 -3.08
C LEU A 194 -9.84 17.99 -3.96
N LYS A 195 -9.89 17.39 -5.15
N LYS A 195 -9.91 17.42 -5.16
CA LYS A 195 -10.91 17.64 -6.17
CA LYS A 195 -11.00 17.66 -6.09
C LYS A 195 -11.43 16.31 -6.70
C LYS A 195 -11.44 16.34 -6.70
N PRO A 196 -12.71 16.24 -7.12
CA PRO A 196 -13.20 15.02 -7.74
C PRO A 196 -12.37 14.63 -8.96
N GLY A 197 -12.10 13.34 -9.09
CA GLY A 197 -11.40 12.83 -10.26
C GLY A 197 -9.90 12.69 -10.08
N MET A 198 -9.38 13.19 -8.96
CA MET A 198 -8.00 12.88 -8.60
C MET A 198 -7.91 11.43 -8.16
N THR A 199 -6.85 10.75 -8.58
CA THR A 199 -6.56 9.38 -8.17
C THR A 199 -5.18 9.29 -7.52
N PHE A 200 -5.11 8.69 -6.35
CA PHE A 200 -3.86 8.58 -5.60
C PHE A 200 -3.94 7.43 -4.62
N THR A 201 -2.78 7.10 -4.07
CA THR A 201 -2.65 6.08 -3.06
C THR A 201 -2.46 6.69 -1.67
N ILE A 202 -2.85 5.89 -0.68
CA ILE A 202 -2.52 6.13 0.72
C ILE A 202 -1.88 4.84 1.20
N GLU A 203 -0.71 4.93 1.83
CA GLU A 203 0.09 3.74 2.12
CA GLU A 203 0.12 3.77 2.08
C GLU A 203 1.11 3.93 3.24
N PRO A 204 0.61 4.21 4.45
CA PRO A 204 1.52 4.47 5.57
C PRO A 204 2.39 3.26 5.91
N MET A 205 3.67 3.54 6.15
CA MET A 205 4.62 2.59 6.71
C MET A 205 4.81 2.97 8.18
N VAL A 206 4.55 2.01 9.06
CA VAL A 206 4.48 2.22 10.49
C VAL A 206 5.43 1.27 11.19
N ASN A 207 6.32 1.83 12.02
CA ASN A 207 7.28 1.03 12.76
C ASN A 207 6.80 0.87 14.20
N ALA A 208 7.02 -0.30 14.80
CA ALA A 208 6.68 -0.50 16.20
C ALA A 208 7.61 0.31 17.11
N GLY A 209 8.85 0.48 16.67
CA GLY A 209 9.85 1.25 17.40
C GLY A 209 10.00 2.63 16.80
N LYS A 210 11.25 3.05 16.63
CA LYS A 210 11.57 4.39 16.18
C LYS A 210 11.40 4.53 14.67
N LYS A 211 11.24 5.77 14.22
CA LYS A 211 10.89 6.06 12.84
C LYS A 211 12.05 5.86 11.88
N GLU A 212 13.29 5.91 12.38
CA GLU A 212 14.43 5.89 11.49
C GLU A 212 14.62 4.58 10.73
N ILE A 213 15.09 4.68 9.49
CA ILE A 213 15.27 3.53 8.61
C ILE A 213 16.70 3.49 8.04
N ARG A 214 17.01 2.37 7.42
CA ARG A 214 18.31 2.12 6.83
C ARG A 214 18.16 1.28 5.55
N THR A 215 18.88 1.62 4.49
CA THR A 215 18.88 0.82 3.28
C THR A 215 20.07 -0.12 3.32
N MET A 216 19.81 -1.38 2.97
CA MET A 216 20.83 -2.41 2.97
C MET A 216 21.77 -2.23 1.79
N LYS A 217 22.87 -2.97 1.83
N LYS A 217 22.86 -2.98 1.84
CA LYS A 217 23.92 -2.82 0.84
CA LYS A 217 23.94 -2.87 0.85
C LYS A 217 23.44 -3.31 -0.52
C LYS A 217 23.53 -3.45 -0.50
N ASP A 218 22.41 -4.15 -0.56
CA ASP A 218 21.90 -4.66 -1.83
C ASP A 218 21.30 -3.55 -2.68
N GLY A 219 21.23 -2.36 -2.09
CA GLY A 219 20.74 -1.19 -2.79
C GLY A 219 19.23 -1.09 -2.86
N TRP A 220 18.51 -2.05 -2.26
CA TRP A 220 17.05 -2.11 -2.34
C TRP A 220 16.35 -2.23 -0.99
N THR A 221 16.78 -3.17 -0.19
CA THR A 221 16.01 -3.56 1.00
C THR A 221 16.12 -2.48 2.07
N VAL A 222 14.97 -2.02 2.58
CA VAL A 222 14.94 -0.99 3.62
C VAL A 222 14.50 -1.64 4.93
N LYS A 223 15.24 -1.42 6.02
CA LYS A 223 14.91 -1.95 7.34
C LYS A 223 14.77 -0.85 8.36
N THR A 224 14.10 -1.15 9.47
CA THR A 224 14.09 -0.23 10.60
C THR A 224 15.52 -0.15 11.17
N LYS A 225 15.95 1.05 11.53
CA LYS A 225 17.28 1.22 12.12
CA LYS A 225 17.28 1.23 12.11
C LYS A 225 17.41 0.42 13.42
N ASP A 226 16.33 0.37 14.19
CA ASP A 226 16.32 -0.33 15.46
C ASP A 226 15.89 -1.80 15.42
N ARG A 227 15.64 -2.32 14.21
CA ARG A 227 15.22 -3.69 13.99
C ARG A 227 13.87 -4.01 14.61
N SER A 228 13.08 -2.98 14.92
CA SER A 228 11.67 -3.18 15.26
C SER A 228 10.86 -3.61 14.04
N LEU A 229 9.71 -4.21 14.29
CA LEU A 229 8.80 -4.57 13.20
C LEU A 229 8.27 -3.34 12.48
N SER A 230 7.95 -3.50 11.21
CA SER A 230 7.35 -2.46 10.40
C SER A 230 6.25 -3.04 9.53
N ALA A 231 5.15 -2.30 9.38
CA ALA A 231 4.00 -2.77 8.60
C ALA A 231 3.48 -1.66 7.69
N GLN A 232 2.78 -2.07 6.64
CA GLN A 232 2.24 -1.17 5.64
C GLN A 232 0.99 -1.79 5.04
N TYR A 233 -0.01 -0.95 4.77
CA TYR A 233 -1.13 -1.27 3.90
C TYR A 233 -1.32 -0.12 2.92
N GLU A 234 -1.84 -0.43 1.74
CA GLU A 234 -2.00 0.54 0.66
CA GLU A 234 -1.97 0.51 0.63
C GLU A 234 -3.28 0.29 -0.12
N HIS A 235 -3.98 1.38 -0.43
CA HIS A 235 -5.08 1.34 -1.40
C HIS A 235 -4.92 2.49 -2.40
N THR A 236 -5.42 2.27 -3.61
CA THR A 236 -5.63 3.31 -4.62
C THR A 236 -7.08 3.76 -4.58
N ILE A 237 -7.28 5.08 -4.63
CA ILE A 237 -8.63 5.62 -4.62
CA ILE A 237 -8.61 5.69 -4.57
C ILE A 237 -8.83 6.68 -5.69
N VAL A 238 -10.10 6.97 -5.95
CA VAL A 238 -10.51 8.16 -6.71
C VAL A 238 -11.36 9.06 -5.81
N VAL A 239 -11.10 10.36 -5.86
CA VAL A 239 -11.96 11.31 -5.16
C VAL A 239 -13.26 11.47 -5.95
N THR A 240 -14.38 11.42 -5.23
CA THR A 240 -15.68 11.53 -5.85
C THR A 240 -16.33 12.85 -5.44
N ASP A 241 -17.52 13.13 -5.95
CA ASP A 241 -18.24 14.35 -5.60
C ASP A 241 -18.55 14.42 -4.11
N ASN A 242 -18.77 13.28 -3.47
CA ASN A 242 -19.15 13.26 -2.07
C ASN A 242 -18.19 12.54 -1.13
N GLY A 243 -17.03 12.13 -1.60
CA GLY A 243 -16.16 11.34 -0.77
C GLY A 243 -15.07 10.72 -1.60
N CYS A 244 -14.99 9.39 -1.53
CA CYS A 244 -14.04 8.64 -2.37
C CYS A 244 -14.58 7.28 -2.69
N GLU A 245 -13.90 6.66 -3.64
CA GLU A 245 -14.17 5.30 -4.02
C GLU A 245 -12.83 4.55 -4.01
N ILE A 246 -12.79 3.42 -3.31
CA ILE A 246 -11.57 2.62 -3.18
C ILE A 246 -11.57 1.69 -4.40
N LEU A 247 -10.46 1.68 -5.12
CA LEU A 247 -10.36 0.96 -6.38
C LEU A 247 -9.69 -0.41 -6.21
N THR A 248 -9.08 -0.65 -5.07
CA THR A 248 -8.31 -1.85 -4.81
C THR A 248 -8.89 -2.65 -3.62
N LEU A 249 -10.18 -2.52 -3.36
CA LEU A 249 -10.76 -3.23 -2.23
C LEU A 249 -10.75 -4.74 -2.45
N ARG A 250 -10.49 -5.48 -1.37
CA ARG A 250 -10.59 -6.93 -1.33
C ARG A 250 -11.77 -7.36 -0.49
N LYS A 251 -12.17 -8.62 -0.65
CA LYS A 251 -13.20 -9.18 0.18
C LYS A 251 -12.87 -9.11 1.66
N ASP A 252 -11.60 -9.17 2.05
CA ASP A 252 -11.21 -9.13 3.46
CA ASP A 252 -11.29 -9.12 3.48
C ASP A 252 -11.12 -7.71 4.01
N ASP A 253 -11.20 -6.67 3.17
CA ASP A 253 -11.31 -5.32 3.71
C ASP A 253 -12.65 -5.19 4.46
N THR A 254 -12.67 -4.30 5.45
CA THR A 254 -13.84 -4.09 6.30
C THR A 254 -14.29 -2.62 6.30
N ILE A 255 -14.01 -1.93 5.21
CA ILE A 255 -14.46 -0.57 4.95
C ILE A 255 -15.22 -0.61 3.63
N PRO A 256 -16.30 0.16 3.48
CA PRO A 256 -17.00 0.15 2.19
C PRO A 256 -16.17 0.72 1.04
N ALA A 257 -16.42 0.22 -0.15
CA ALA A 257 -15.74 0.72 -1.34
C ALA A 257 -16.10 2.16 -1.63
N ILE A 258 -17.37 2.52 -1.45
CA ILE A 258 -17.83 3.85 -1.72
C ILE A 258 -18.15 4.53 -0.40
N ILE A 259 -17.42 5.60 -0.13
CA ILE A 259 -17.57 6.35 1.11
C ILE A 259 -18.21 7.69 0.74
N SER A 260 -19.40 7.95 1.31
CA SER A 260 -20.09 9.19 1.02
CA SER A 260 -20.19 9.13 1.02
C SER A 260 -20.28 10.02 2.27
N HIS A 261 -20.08 11.33 2.12
CA HIS A 261 -20.25 12.25 3.25
C HIS A 261 -21.45 13.16 3.10
N ASP A 262 -22.29 12.90 2.10
N ASP A 262 -22.28 12.86 2.09
CA ASP A 262 -23.51 13.67 1.94
CA ASP A 262 -23.53 13.57 1.86
C ASP A 262 -24.69 13.01 2.67
C ASP A 262 -24.64 13.05 2.78
N GLU A 263 -25.68 13.86 2.95
CA GLU A 263 -26.91 13.46 3.62
C GLU A 263 -27.92 12.83 2.67
CO CO B . 2.11 3.03 -3.98
CO CO C . 2.26 -0.35 -3.89
NA NA D . 7.96 -5.24 7.79
O2 U14 E . 11.86 3.76 -5.53
C4 U14 E . 12.25 2.71 -6.08
O1 U14 E . 13.41 2.60 -6.55
C9 U14 E . 11.29 1.57 -6.20
C6 U14 E . 11.72 0.43 -6.88
C10 U14 E . 10.86 -0.65 -7.02
C7 U14 E . 9.60 -0.58 -6.49
C8 U14 E . 10.01 1.66 -5.66
C5 U14 E . 9.17 0.55 -5.79
N6 U14 E . 7.85 0.51 -5.34
N5 U14 E . 7.30 1.57 -4.84
C2 U14 E . 5.98 1.45 -4.53
C3 U14 E . 5.13 2.50 -4.24
N4 U14 E . 5.47 3.80 -4.10
N2 U14 E . 3.87 2.04 -4.07
C1 U14 E . 5.17 0.32 -4.58
N3 U14 E . 3.92 0.66 -4.31
N1 U14 E . 5.51 -0.98 -4.84
#